data_1T1X
#
_entry.id   1T1X
#
_cell.length_a   56.040
_cell.length_b   79.780
_cell.length_c   58.030
_cell.angle_alpha   90.00
_cell.angle_beta   116.62
_cell.angle_gamma   90.00
#
_symmetry.space_group_name_H-M   'P 1 21 1'
#
loop_
_entity.id
_entity.type
_entity.pdbx_description
1 polymer 'HLA class I histocompatibility antigen, A-2 alpha chain'
2 polymer Beta-2-microglobulin
3 polymer 'GAG PEPTIDE'
4 water water
#
loop_
_entity_poly.entity_id
_entity_poly.type
_entity_poly.pdbx_seq_one_letter_code
_entity_poly.pdbx_strand_id
1 'polypeptide(L)'
;GSHSMRYFFTSVSRPGRGEPRFIAVGYVDDTQFVRFDSDAASQRMEPRAPWIEQEGPEYWDGETRKVKAHSQTHRVDLGT
LRGYYNQSEAGSHTVQRMYGCDVGSDWRFLRGYHQYAYDGKDYIALKEDLRSWTAADMAAQTTKHKWEAAHVAEQLRAYL
EGTCVEWLRRYLENGKETLQRTDAPKTHMTHHAVSDHEATLRCWALSFYPAEITLTWQRDGEDQTQDTELVETRPAGDGT
FQKWAAVVVPSGQEQRYTCHVQHEGLPKPLTLRWE
;
A
2 'polypeptide(L)'
;IQRTPKIQVYSRHPAENGKSNFLNCYVSGFHPSDIEVDLLKNGERIEKVEHSDLSFSKDWSFYLLYYTEFTPTEKDEYAC
RVNHVTLSQPKIVKWDRDM
;
B
3 'polypeptide(L)' SLYLTVATL C
#
# COMPACT_ATOMS: atom_id res chain seq x y z
N GLY A 1 -11.75 17.67 -4.53
CA GLY A 1 -10.69 17.42 -3.52
C GLY A 1 -9.34 17.30 -4.19
N SER A 2 -8.27 17.33 -3.41
CA SER A 2 -6.93 17.20 -3.96
C SER A 2 -6.71 15.79 -4.52
N HIS A 3 -5.68 15.61 -5.34
CA HIS A 3 -5.39 14.31 -5.94
C HIS A 3 -3.88 14.17 -6.05
N SER A 4 -3.43 12.95 -6.30
CA SER A 4 -2.01 12.72 -6.45
C SER A 4 -1.70 11.58 -7.42
N MET A 5 -0.46 11.58 -7.90
CA MET A 5 0.04 10.52 -8.77
C MET A 5 1.37 10.15 -8.13
N ARG A 6 1.61 8.86 -7.97
CA ARG A 6 2.83 8.37 -7.35
C ARG A 6 3.37 7.12 -8.00
N TYR A 7 4.68 7.02 -8.06
CA TYR A 7 5.37 5.87 -8.63
C TYR A 7 6.28 5.29 -7.54
N PHE A 8 6.19 3.98 -7.35
CA PHE A 8 6.99 3.26 -6.36
C PHE A 8 7.90 2.28 -7.08
N PHE A 9 9.17 2.27 -6.69
CA PHE A 9 10.17 1.40 -7.29
C PHE A 9 10.96 0.67 -6.22
N THR A 10 11.06 -0.65 -6.37
CA THR A 10 11.80 -1.49 -5.46
C THR A 10 12.78 -2.37 -6.25
N SER A 11 14.04 -2.41 -5.81
CA SER A 11 15.08 -3.24 -6.42
C SER A 11 15.79 -4.03 -5.32
N VAL A 12 15.83 -5.35 -5.49
CA VAL A 12 16.47 -6.24 -4.52
C VAL A 12 17.62 -6.99 -5.22
N SER A 13 18.83 -6.82 -4.70
CA SER A 13 19.99 -7.48 -5.26
C SER A 13 19.93 -8.98 -5.00
N ARG A 14 20.52 -9.76 -5.90
CA ARG A 14 20.53 -11.20 -5.76
C ARG A 14 21.95 -11.71 -6.02
N PRO A 15 22.83 -11.58 -5.02
CA PRO A 15 24.24 -12.01 -5.13
C PRO A 15 24.46 -13.44 -5.64
N GLY A 16 23.55 -14.34 -5.31
CA GLY A 16 23.69 -15.71 -5.77
C GLY A 16 23.79 -15.86 -7.28
N ARG A 17 22.98 -15.11 -8.02
CA ARG A 17 23.00 -15.18 -9.48
C ARG A 17 22.08 -14.18 -10.16
N GLY A 18 22.58 -13.58 -11.24
CA GLY A 18 21.76 -12.66 -12.01
C GLY A 18 21.60 -11.24 -11.51
N GLU A 19 20.63 -10.55 -12.11
CA GLU A 19 20.35 -9.16 -11.80
C GLU A 19 19.34 -8.98 -10.69
N PRO A 20 19.27 -7.76 -10.14
CA PRO A 20 18.34 -7.48 -9.05
C PRO A 20 16.89 -7.68 -9.50
N ARG A 21 16.02 -7.97 -8.55
CA ARG A 21 14.59 -8.10 -8.83
C ARG A 21 14.11 -6.63 -8.82
N PHE A 22 13.39 -6.22 -9.87
CA PHE A 22 12.89 -4.85 -9.98
C PHE A 22 11.37 -4.86 -10.13
N ILE A 23 10.68 -4.08 -9.29
CA ILE A 23 9.23 -3.97 -9.34
C ILE A 23 8.83 -2.51 -9.22
N ALA A 24 8.04 -2.05 -10.19
CA ALA A 24 7.55 -0.68 -10.20
C ALA A 24 6.03 -0.68 -10.34
N VAL A 25 5.37 0.23 -9.64
CA VAL A 25 3.93 0.36 -9.70
C VAL A 25 3.59 1.84 -9.74
N GLY A 26 2.54 2.17 -10.47
CA GLY A 26 2.11 3.55 -10.56
C GLY A 26 0.73 3.62 -9.94
N TYR A 27 0.43 4.73 -9.27
CA TYR A 27 -0.85 4.95 -8.62
C TYR A 27 -1.39 6.35 -8.84
N VAL A 28 -2.72 6.46 -8.89
CA VAL A 28 -3.38 7.76 -8.95
C VAL A 28 -4.24 7.60 -7.67
N ASP A 29 -4.05 8.51 -6.73
CA ASP A 29 -4.72 8.43 -5.42
C ASP A 29 -4.51 6.99 -4.92
N ASP A 30 -5.57 6.28 -4.56
CA ASP A 30 -5.42 4.91 -4.07
C ASP A 30 -5.69 3.84 -5.14
N THR A 31 -5.61 4.22 -6.41
CA THR A 31 -5.86 3.30 -7.52
C THR A 31 -4.58 2.99 -8.33
N GLN A 32 -4.12 1.73 -8.30
CA GLN A 32 -2.94 1.37 -9.07
C GLN A 32 -3.32 1.35 -10.56
N PHE A 33 -2.50 1.91 -11.44
CA PHE A 33 -2.84 1.88 -12.87
C PHE A 33 -1.80 1.24 -13.79
N VAL A 34 -0.57 1.09 -13.30
CA VAL A 34 0.50 0.44 -14.06
C VAL A 34 1.45 -0.33 -13.16
N ARG A 35 2.23 -1.19 -13.79
CA ARG A 35 3.22 -1.98 -13.09
C ARG A 35 4.24 -2.53 -14.09
N PHE A 36 5.38 -2.93 -13.55
CA PHE A 36 6.47 -3.54 -14.29
C PHE A 36 7.17 -4.49 -13.33
N ASP A 37 7.36 -5.73 -13.76
CA ASP A 37 8.05 -6.72 -12.93
C ASP A 37 9.12 -7.39 -13.80
N SER A 38 10.37 -7.19 -13.43
CA SER A 38 11.50 -7.75 -14.15
C SER A 38 11.37 -9.27 -14.28
N ASP A 39 10.60 -9.88 -13.38
CA ASP A 39 10.39 -11.32 -13.38
C ASP A 39 9.27 -11.75 -14.34
N ALA A 40 8.50 -10.79 -14.85
CA ALA A 40 7.40 -11.11 -15.76
C ALA A 40 7.90 -11.31 -17.17
N ALA A 41 7.12 -12.07 -17.95
CA ALA A 41 7.45 -12.41 -19.34
C ALA A 41 7.38 -11.26 -20.35
N SER A 42 6.47 -10.32 -20.16
CA SER A 42 6.31 -9.23 -21.12
C SER A 42 7.51 -8.27 -21.21
N GLN A 43 8.17 -8.04 -20.07
CA GLN A 43 9.28 -7.10 -20.01
C GLN A 43 8.77 -5.74 -20.49
N ARG A 44 7.49 -5.46 -20.21
CA ARG A 44 6.89 -4.18 -20.61
C ARG A 44 6.06 -3.57 -19.47
N MET A 45 5.85 -2.27 -19.53
CA MET A 45 5.02 -1.62 -18.55
C MET A 45 3.65 -2.19 -18.89
N GLU A 46 2.88 -2.59 -17.88
CA GLU A 46 1.55 -3.18 -18.08
C GLU A 46 0.45 -2.40 -17.37
N PRO A 47 -0.75 -2.36 -17.98
CA PRO A 47 -1.92 -1.66 -17.42
C PRO A 47 -2.52 -2.46 -16.27
N ARG A 48 -3.07 -1.75 -15.29
CA ARG A 48 -3.66 -2.38 -14.12
C ARG A 48 -5.02 -1.74 -13.86
N ALA A 49 -5.42 -0.86 -14.75
CA ALA A 49 -6.72 -0.20 -14.62
C ALA A 49 -7.25 0.00 -16.05
N PRO A 50 -8.57 -0.14 -16.24
CA PRO A 50 -9.19 0.03 -17.55
C PRO A 50 -8.95 1.37 -18.22
N TRP A 51 -9.09 2.46 -17.46
CA TRP A 51 -8.93 3.79 -18.02
C TRP A 51 -7.55 4.14 -18.58
N ILE A 52 -6.53 3.32 -18.31
CA ILE A 52 -5.22 3.66 -18.89
C ILE A 52 -5.00 2.86 -20.18
N GLU A 53 -5.84 1.85 -20.40
CA GLU A 53 -5.71 1.06 -21.62
C GLU A 53 -5.98 1.92 -22.85
N GLN A 54 -6.66 3.05 -22.65
CA GLN A 54 -6.97 3.98 -23.74
C GLN A 54 -5.69 4.50 -24.40
N GLU A 55 -4.63 4.64 -23.63
CA GLU A 55 -3.36 5.14 -24.16
C GLU A 55 -2.87 4.32 -25.35
N GLY A 56 -2.34 5.01 -26.35
CA GLY A 56 -1.84 4.33 -27.55
C GLY A 56 -0.48 3.68 -27.40
N PRO A 57 -0.01 2.99 -28.45
CA PRO A 57 1.28 2.29 -28.48
C PRO A 57 2.48 3.15 -28.09
N GLU A 58 2.52 4.38 -28.57
CA GLU A 58 3.64 5.26 -28.24
C GLU A 58 3.73 5.46 -26.74
N TYR A 59 2.59 5.45 -26.06
CA TYR A 59 2.59 5.63 -24.61
C TYR A 59 3.31 4.46 -23.94
N TRP A 60 2.83 3.25 -24.18
CA TRP A 60 3.41 2.04 -23.61
C TRP A 60 4.87 1.81 -23.99
N ASP A 61 5.27 2.20 -25.21
CA ASP A 61 6.66 2.02 -25.63
C ASP A 61 7.54 3.02 -24.87
N GLY A 62 7.03 4.24 -24.74
CA GLY A 62 7.79 5.25 -24.01
C GLY A 62 7.92 4.88 -22.54
N GLU A 63 6.81 4.47 -21.91
CA GLU A 63 6.82 4.11 -20.49
C GLU A 63 7.68 2.88 -20.22
N THR A 64 7.67 1.94 -21.15
CA THR A 64 8.47 0.74 -21.00
C THR A 64 9.95 1.10 -21.09
N ARG A 65 10.29 1.90 -22.08
CA ARG A 65 11.67 2.33 -22.26
C ARG A 65 12.17 3.04 -20.99
N LYS A 66 11.39 4.00 -20.50
CA LYS A 66 11.77 4.74 -19.30
C LYS A 66 11.86 3.88 -18.04
N VAL A 67 10.91 2.96 -17.83
CA VAL A 67 10.96 2.14 -16.63
C VAL A 67 12.16 1.19 -16.63
N LYS A 68 12.57 0.74 -17.82
CA LYS A 68 13.73 -0.12 -17.92
C LYS A 68 14.96 0.70 -17.55
N ALA A 69 15.01 1.94 -18.04
CA ALA A 69 16.12 2.83 -17.70
C ALA A 69 16.17 3.01 -16.18
N HIS A 70 15.00 3.02 -15.53
CA HIS A 70 14.96 3.16 -14.08
C HIS A 70 15.60 1.94 -13.42
N SER A 71 15.21 0.74 -13.85
CA SER A 71 15.78 -0.45 -13.23
C SER A 71 17.29 -0.47 -13.36
N GLN A 72 17.82 -0.03 -14.49
CA GLN A 72 19.27 -0.06 -14.68
C GLN A 72 19.97 0.90 -13.72
N THR A 73 19.35 2.05 -13.48
CA THR A 73 19.90 3.02 -12.56
C THR A 73 19.92 2.40 -11.16
N HIS A 74 18.83 1.72 -10.81
CA HIS A 74 18.76 1.07 -9.50
C HIS A 74 19.81 -0.02 -9.38
N ARG A 75 20.01 -0.78 -10.46
CA ARG A 75 21.03 -1.83 -10.45
C ARG A 75 22.36 -1.19 -10.10
N VAL A 76 22.70 -0.13 -10.83
CA VAL A 76 23.94 0.59 -10.59
C VAL A 76 23.99 1.10 -9.15
N ASP A 77 22.89 1.68 -8.68
CA ASP A 77 22.82 2.20 -7.33
C ASP A 77 23.15 1.17 -6.26
N LEU A 78 22.58 -0.02 -6.40
CA LEU A 78 22.84 -1.10 -5.43
C LEU A 78 24.34 -1.36 -5.31
N GLY A 79 25.06 -1.25 -6.43
CA GLY A 79 26.50 -1.45 -6.41
C GLY A 79 27.21 -0.28 -5.75
N THR A 80 26.86 0.94 -6.18
CA THR A 80 27.44 2.16 -5.61
C THR A 80 27.25 2.23 -4.09
N LEU A 81 26.05 1.88 -3.63
CA LEU A 81 25.72 1.91 -2.21
C LEU A 81 26.47 0.84 -1.42
N ARG A 82 26.71 -0.31 -2.05
CA ARG A 82 27.42 -1.41 -1.39
C ARG A 82 28.81 -0.87 -1.00
N GLY A 83 29.41 -0.12 -1.92
CA GLY A 83 30.73 0.45 -1.68
C GLY A 83 30.68 1.54 -0.61
N TYR A 84 29.76 2.49 -0.75
CA TYR A 84 29.63 3.57 0.24
C TYR A 84 29.58 3.01 1.66
N TYR A 85 28.76 1.98 1.86
CA TYR A 85 28.60 1.39 3.19
C TYR A 85 29.61 0.28 3.48
N ASN A 86 30.53 0.08 2.55
CA ASN A 86 31.58 -0.93 2.69
C ASN A 86 30.97 -2.27 3.07
N GLN A 87 30.01 -2.74 2.29
CA GLN A 87 29.33 -4.00 2.58
C GLN A 87 29.78 -5.16 1.71
N SER A 88 29.61 -6.36 2.21
CA SER A 88 29.98 -7.56 1.47
C SER A 88 29.16 -7.67 0.20
N GLU A 89 29.64 -8.46 -0.76
CA GLU A 89 28.92 -8.64 -2.00
C GLU A 89 28.05 -9.89 -1.90
N ALA A 90 28.14 -10.57 -0.77
CA ALA A 90 27.38 -11.80 -0.58
C ALA A 90 25.97 -11.58 -0.05
N GLY A 91 25.72 -10.44 0.59
CA GLY A 91 24.39 -10.18 1.13
C GLY A 91 23.46 -9.44 0.17
N SER A 92 22.16 -9.70 0.31
CA SER A 92 21.15 -9.04 -0.52
C SER A 92 20.74 -7.70 0.10
N HIS A 93 20.62 -6.67 -0.72
CA HIS A 93 20.23 -5.37 -0.23
C HIS A 93 19.05 -4.79 -1.04
N THR A 94 18.44 -3.73 -0.54
CA THR A 94 17.26 -3.14 -1.17
C THR A 94 17.34 -1.65 -1.37
N VAL A 95 16.98 -1.19 -2.57
CA VAL A 95 16.91 0.23 -2.82
C VAL A 95 15.45 0.51 -3.21
N GLN A 96 14.88 1.55 -2.62
CA GLN A 96 13.51 1.95 -2.92
C GLN A 96 13.50 3.43 -3.30
N ARG A 97 12.57 3.79 -4.18
CA ARG A 97 12.42 5.16 -4.64
C ARG A 97 10.92 5.44 -4.80
N MET A 98 10.53 6.66 -4.49
CA MET A 98 9.15 7.08 -4.62
C MET A 98 9.14 8.52 -5.05
N TYR A 99 8.29 8.84 -6.02
CA TYR A 99 8.16 10.22 -6.45
C TYR A 99 6.80 10.45 -7.06
N GLY A 100 6.44 11.72 -7.18
CA GLY A 100 5.15 12.05 -7.72
C GLY A 100 4.76 13.48 -7.38
N CYS A 101 3.50 13.80 -7.65
CA CYS A 101 2.97 15.14 -7.42
C CYS A 101 1.54 15.12 -6.91
N ASP A 102 1.16 16.22 -6.26
CA ASP A 102 -0.20 16.41 -5.75
C ASP A 102 -0.75 17.66 -6.41
N VAL A 103 -2.06 17.66 -6.64
CA VAL A 103 -2.75 18.82 -7.18
C VAL A 103 -3.76 19.13 -6.08
N GLY A 104 -3.95 20.41 -5.80
CA GLY A 104 -4.89 20.80 -4.77
C GLY A 104 -6.31 20.78 -5.27
N SER A 105 -7.25 21.27 -4.45
CA SER A 105 -8.66 21.33 -4.81
C SER A 105 -8.88 22.22 -6.02
N ASP A 106 -7.93 23.13 -6.27
CA ASP A 106 -8.00 24.03 -7.43
C ASP A 106 -7.42 23.36 -8.67
N TRP A 107 -7.03 22.10 -8.49
CA TRP A 107 -6.45 21.31 -9.57
C TRP A 107 -5.13 21.86 -10.09
N ARG A 108 -4.50 22.73 -9.33
CA ARG A 108 -3.21 23.25 -9.74
C ARG A 108 -2.16 22.54 -8.88
N PHE A 109 -0.93 22.55 -9.35
CA PHE A 109 0.19 21.94 -8.63
C PHE A 109 0.12 22.37 -7.17
N LEU A 110 0.23 21.39 -6.27
CA LEU A 110 0.21 21.67 -4.84
C LEU A 110 1.60 21.34 -4.26
N ARG A 111 2.09 20.14 -4.54
CA ARG A 111 3.41 19.76 -4.07
C ARG A 111 3.96 18.56 -4.83
N GLY A 112 5.27 18.39 -4.74
CA GLY A 112 5.93 17.30 -5.42
C GLY A 112 6.87 16.58 -4.49
N TYR A 113 7.26 15.39 -4.87
CA TYR A 113 8.18 14.65 -4.05
C TYR A 113 9.06 13.68 -4.83
N HIS A 114 10.20 13.37 -4.22
CA HIS A 114 11.19 12.46 -4.77
C HIS A 114 12.12 12.09 -3.62
N GLN A 115 11.91 10.88 -3.08
CA GLN A 115 12.69 10.35 -1.99
C GLN A 115 13.29 8.98 -2.33
N TYR A 116 14.34 8.62 -1.59
CA TYR A 116 15.09 7.38 -1.80
C TYR A 116 15.46 6.71 -0.47
N ALA A 117 15.41 5.38 -0.44
CA ALA A 117 15.76 4.63 0.77
C ALA A 117 16.70 3.47 0.44
N TYR A 118 17.53 3.10 1.41
CA TYR A 118 18.45 1.98 1.26
C TYR A 118 18.21 1.11 2.47
N ASP A 119 17.96 -0.17 2.22
CA ASP A 119 17.64 -1.15 3.26
C ASP A 119 16.55 -0.71 4.23
N GLY A 120 15.50 -0.08 3.69
CA GLY A 120 14.36 0.36 4.48
C GLY A 120 14.51 1.61 5.33
N LYS A 121 15.55 2.40 5.09
CA LYS A 121 15.74 3.62 5.85
C LYS A 121 16.00 4.81 4.92
N ASP A 122 15.49 5.99 5.29
CA ASP A 122 15.71 7.19 4.49
C ASP A 122 17.17 7.27 4.09
N TYR A 123 17.40 7.66 2.84
CA TYR A 123 18.75 7.81 2.30
C TYR A 123 18.85 9.27 1.90
N ILE A 124 18.12 9.66 0.86
CA ILE A 124 18.12 11.06 0.43
C ILE A 124 16.71 11.43 -0.11
N ALA A 125 16.27 12.66 0.15
CA ALA A 125 14.96 13.11 -0.31
C ALA A 125 14.99 14.56 -0.74
N LEU A 126 14.19 14.87 -1.76
CA LEU A 126 14.07 16.22 -2.27
C LEU A 126 13.20 16.95 -1.26
N LYS A 127 13.62 18.13 -0.82
CA LYS A 127 12.86 18.94 0.15
C LYS A 127 11.58 19.46 -0.53
N GLU A 128 10.64 19.91 0.27
CA GLU A 128 9.37 20.44 -0.21
C GLU A 128 9.54 21.58 -1.23
N ASP A 129 10.51 22.46 -1.00
CA ASP A 129 10.76 23.57 -1.90
C ASP A 129 11.34 23.11 -3.23
N LEU A 130 11.51 21.80 -3.38
CA LEU A 130 12.04 21.19 -4.59
C LEU A 130 13.35 21.82 -5.07
N ARG A 131 14.13 22.37 -4.13
CA ARG A 131 15.40 22.99 -4.51
C ARG A 131 16.57 22.45 -3.71
N SER A 132 16.30 21.87 -2.55
CA SER A 132 17.35 21.33 -1.70
C SER A 132 17.09 19.87 -1.36
N TRP A 133 18.14 19.21 -0.87
CA TRP A 133 18.08 17.81 -0.52
C TRP A 133 18.29 17.54 0.96
N THR A 134 17.66 16.46 1.43
CA THR A 134 17.80 16.00 2.81
C THR A 134 18.58 14.67 2.71
N ALA A 135 19.81 14.65 3.23
CA ALA A 135 20.66 13.46 3.24
C ALA A 135 20.73 12.93 4.67
N ALA A 136 20.39 11.66 4.85
CA ALA A 136 20.35 11.03 6.17
C ALA A 136 21.70 10.78 6.84
N ASP A 137 22.71 10.48 6.05
CA ASP A 137 24.05 10.19 6.57
C ASP A 137 25.13 10.62 5.58
N MET A 138 26.38 10.29 5.86
CA MET A 138 27.50 10.67 5.00
C MET A 138 27.54 9.96 3.64
N ALA A 139 26.89 8.81 3.54
CA ALA A 139 26.85 8.15 2.24
C ALA A 139 25.90 9.04 1.42
N ALA A 140 24.73 9.35 1.97
CA ALA A 140 23.76 10.22 1.28
C ALA A 140 24.30 11.63 1.00
N GLN A 141 25.23 12.10 1.84
CA GLN A 141 25.85 13.42 1.64
C GLN A 141 26.66 13.47 0.35
N THR A 142 27.38 12.40 0.05
CA THR A 142 28.18 12.38 -1.16
C THR A 142 27.24 12.42 -2.36
N THR A 143 26.12 11.72 -2.25
CA THR A 143 25.14 11.72 -3.33
C THR A 143 24.60 13.13 -3.49
N LYS A 144 24.29 13.77 -2.36
CA LYS A 144 23.76 15.14 -2.37
C LYS A 144 24.71 16.12 -3.09
N HIS A 145 26.00 16.04 -2.79
CA HIS A 145 26.95 16.93 -3.43
C HIS A 145 26.97 16.71 -4.96
N LYS A 146 26.88 15.45 -5.36
CA LYS A 146 26.88 15.10 -6.78
C LYS A 146 25.62 15.61 -7.50
N TRP A 147 24.47 15.44 -6.87
CA TRP A 147 23.22 15.89 -7.48
C TRP A 147 23.11 17.42 -7.49
N GLU A 148 23.76 18.10 -6.55
CA GLU A 148 23.72 19.57 -6.56
C GLU A 148 24.54 20.11 -7.72
N ALA A 149 25.70 19.50 -7.97
CA ALA A 149 26.60 19.92 -9.04
C ALA A 149 25.98 19.60 -10.40
N ALA A 150 25.21 18.51 -10.47
CA ALA A 150 24.56 18.14 -11.72
C ALA A 150 23.19 18.81 -11.84
N HIS A 151 22.82 19.61 -10.84
CA HIS A 151 21.54 20.31 -10.84
C HIS A 151 20.36 19.36 -11.06
N VAL A 152 20.38 18.23 -10.37
CA VAL A 152 19.32 17.25 -10.48
C VAL A 152 17.96 17.80 -10.00
N ALA A 153 17.99 18.62 -8.94
CA ALA A 153 16.75 19.18 -8.41
C ALA A 153 16.00 20.02 -9.44
N GLU A 154 16.74 20.80 -10.22
CA GLU A 154 16.14 21.65 -11.25
C GLU A 154 15.39 20.81 -12.28
N GLN A 155 16.03 19.73 -12.73
CA GLN A 155 15.41 18.85 -13.72
C GLN A 155 14.16 18.18 -13.17
N LEU A 156 14.21 17.76 -11.91
CA LEU A 156 13.08 17.10 -11.26
C LEU A 156 11.92 18.09 -11.04
N ARG A 157 12.26 19.30 -10.58
CA ARG A 157 11.26 20.32 -10.32
C ARG A 157 10.45 20.59 -11.58
N ALA A 158 11.14 20.60 -12.73
CA ALA A 158 10.47 20.83 -14.00
C ALA A 158 9.42 19.75 -14.25
N TYR A 159 9.79 18.50 -14.00
CA TYR A 159 8.86 17.38 -14.21
C TYR A 159 7.70 17.40 -13.22
N LEU A 160 8.02 17.50 -11.93
CA LEU A 160 7.01 17.51 -10.86
C LEU A 160 5.97 18.63 -10.98
N GLU A 161 6.41 19.81 -11.40
CA GLU A 161 5.49 20.93 -11.54
C GLU A 161 4.83 20.97 -12.90
N GLY A 162 5.44 20.31 -13.88
CA GLY A 162 4.87 20.34 -15.21
C GLY A 162 4.28 19.01 -15.67
N THR A 163 5.13 18.22 -16.31
CA THR A 163 4.72 16.93 -16.82
C THR A 163 3.90 16.10 -15.85
N CYS A 164 4.38 15.97 -14.62
CA CYS A 164 3.69 15.19 -13.60
C CYS A 164 2.24 15.64 -13.40
N VAL A 165 2.04 16.94 -13.22
CA VAL A 165 0.72 17.49 -12.98
C VAL A 165 -0.16 17.37 -14.22
N GLU A 166 0.43 17.61 -15.39
CA GLU A 166 -0.31 17.52 -16.63
C GLU A 166 -0.87 16.12 -16.87
N TRP A 167 -0.06 15.09 -16.61
CA TRP A 167 -0.54 13.73 -16.83
C TRP A 167 -1.52 13.28 -15.75
N LEU A 168 -1.33 13.77 -14.53
CA LEU A 168 -2.25 13.41 -13.47
C LEU A 168 -3.65 13.91 -13.87
N ARG A 169 -3.73 15.14 -14.37
CA ARG A 169 -5.02 15.70 -14.78
C ARG A 169 -5.59 14.92 -15.96
N ARG A 170 -4.73 14.49 -16.87
CA ARG A 170 -5.17 13.71 -18.01
C ARG A 170 -5.78 12.38 -17.49
N TYR A 171 -5.09 11.70 -16.59
CA TYR A 171 -5.61 10.44 -16.05
C TYR A 171 -6.91 10.64 -15.27
N LEU A 172 -6.99 11.72 -14.50
CA LEU A 172 -8.18 12.00 -13.70
C LEU A 172 -9.40 12.12 -14.61
N GLU A 173 -9.23 12.79 -15.74
CA GLU A 173 -10.33 12.95 -16.69
C GLU A 173 -10.66 11.62 -17.36
N ASN A 174 -9.67 10.95 -17.92
CA ASN A 174 -9.90 9.68 -18.60
C ASN A 174 -10.57 8.62 -17.72
N GLY A 175 -10.24 8.60 -16.44
CA GLY A 175 -10.83 7.63 -15.55
C GLY A 175 -11.78 8.26 -14.54
N LYS A 176 -12.36 9.39 -14.89
CA LYS A 176 -13.28 10.10 -14.01
C LYS A 176 -14.41 9.27 -13.42
N GLU A 177 -14.89 8.29 -14.16
CA GLU A 177 -15.99 7.46 -13.67
C GLU A 177 -15.67 6.83 -12.31
N THR A 178 -14.39 6.58 -12.04
CA THR A 178 -13.99 5.98 -10.76
C THR A 178 -13.07 6.90 -9.95
N LEU A 179 -12.05 7.44 -10.62
CA LEU A 179 -11.08 8.31 -9.95
C LEU A 179 -11.71 9.55 -9.32
N GLN A 180 -12.76 10.10 -9.92
CA GLN A 180 -13.39 11.29 -9.36
C GLN A 180 -14.69 10.97 -8.65
N ARG A 181 -14.83 9.73 -8.23
CA ARG A 181 -16.02 9.31 -7.50
C ARG A 181 -15.59 8.79 -6.15
N THR A 182 -16.31 9.18 -5.09
CA THR A 182 -16.00 8.67 -3.76
C THR A 182 -17.03 7.59 -3.44
N ASP A 183 -16.57 6.53 -2.79
CA ASP A 183 -17.44 5.44 -2.39
C ASP A 183 -17.59 5.54 -0.87
N ALA A 184 -18.76 5.98 -0.41
CA ALA A 184 -19.02 6.11 1.02
C ALA A 184 -18.97 4.74 1.67
N PRO A 185 -18.42 4.67 2.89
CA PRO A 185 -18.35 3.37 3.55
C PRO A 185 -19.74 2.82 3.88
N LYS A 186 -19.89 1.51 3.76
CA LYS A 186 -21.15 0.87 4.07
C LYS A 186 -20.91 0.42 5.49
N THR A 187 -21.75 0.87 6.42
CA THR A 187 -21.54 0.53 7.82
C THR A 187 -22.62 -0.26 8.50
N HIS A 188 -22.22 -1.02 9.51
CA HIS A 188 -23.13 -1.81 10.34
C HIS A 188 -22.37 -2.19 11.61
N MET A 189 -23.11 -2.69 12.60
CA MET A 189 -22.50 -3.07 13.87
C MET A 189 -22.88 -4.50 14.22
N THR A 190 -21.95 -5.24 14.82
CA THR A 190 -22.22 -6.61 15.25
C THR A 190 -22.09 -6.66 16.78
N HIS A 191 -22.69 -7.69 17.38
CA HIS A 191 -22.68 -7.86 18.84
C HIS A 191 -22.24 -9.30 19.16
N HIS A 192 -21.28 -9.44 20.08
CA HIS A 192 -20.77 -10.75 20.46
C HIS A 192 -20.60 -10.84 21.98
N ALA A 193 -21.33 -11.75 22.63
CA ALA A 193 -21.20 -11.89 24.08
C ALA A 193 -19.91 -12.66 24.40
N VAL A 194 -19.04 -12.06 25.21
CA VAL A 194 -17.79 -12.72 25.56
C VAL A 194 -17.88 -13.38 26.93
N SER A 195 -18.92 -13.05 27.68
CA SER A 195 -19.13 -13.62 29.01
C SER A 195 -20.57 -13.32 29.42
N ASP A 196 -20.96 -13.77 30.60
CA ASP A 196 -22.31 -13.53 31.08
C ASP A 196 -22.58 -12.04 31.33
N HIS A 197 -21.51 -11.28 31.57
CA HIS A 197 -21.66 -9.86 31.87
C HIS A 197 -20.97 -8.89 30.91
N GLU A 198 -20.29 -9.42 29.89
CA GLU A 198 -19.59 -8.58 28.92
C GLU A 198 -19.94 -8.93 27.49
N ALA A 199 -19.91 -7.91 26.63
CA ALA A 199 -20.20 -8.08 25.22
C ALA A 199 -19.30 -7.19 24.39
N THR A 200 -19.05 -7.59 23.15
CA THR A 200 -18.22 -6.81 22.24
C THR A 200 -19.07 -6.24 21.11
N LEU A 201 -18.92 -4.93 20.89
CA LEU A 201 -19.60 -4.25 19.80
C LEU A 201 -18.53 -3.93 18.77
N ARG A 202 -18.75 -4.36 17.53
CA ARG A 202 -17.81 -4.10 16.46
C ARG A 202 -18.48 -3.24 15.40
N CYS A 203 -17.86 -2.09 15.11
CA CYS A 203 -18.37 -1.16 14.14
C CYS A 203 -17.61 -1.36 12.82
N TRP A 204 -18.35 -1.73 11.78
CA TRP A 204 -17.79 -1.99 10.45
C TRP A 204 -17.95 -0.89 9.41
N ALA A 205 -16.91 -0.70 8.60
CA ALA A 205 -16.93 0.27 7.50
C ALA A 205 -16.43 -0.55 6.30
N LEU A 206 -17.30 -0.75 5.32
CA LEU A 206 -16.92 -1.59 4.18
C LEU A 206 -17.05 -0.95 2.81
N SER A 207 -16.29 -1.50 1.86
CA SER A 207 -16.32 -1.07 0.46
C SER A 207 -16.22 0.44 0.22
N PHE A 208 -15.35 1.14 0.95
CA PHE A 208 -15.21 2.59 0.76
C PHE A 208 -13.96 2.98 -0.07
N TYR A 209 -13.98 4.20 -0.60
CA TYR A 209 -12.89 4.74 -1.41
C TYR A 209 -12.99 6.26 -1.37
N PRO A 210 -11.87 6.98 -1.16
CA PRO A 210 -10.51 6.46 -0.93
C PRO A 210 -10.31 5.75 0.41
N ALA A 211 -9.08 5.32 0.69
CA ALA A 211 -8.78 4.58 1.93
C ALA A 211 -8.83 5.40 3.22
N GLU A 212 -8.53 6.70 3.13
CA GLU A 212 -8.54 7.61 4.29
C GLU A 212 -9.90 7.55 4.99
N ILE A 213 -9.89 7.37 6.31
CA ILE A 213 -11.11 7.29 7.08
C ILE A 213 -10.82 7.34 8.58
N THR A 214 -11.83 7.69 9.36
CA THR A 214 -11.68 7.73 10.81
C THR A 214 -12.88 7.11 11.52
N LEU A 215 -12.62 6.15 12.39
CA LEU A 215 -13.65 5.47 13.17
C LEU A 215 -13.36 5.78 14.63
N THR A 216 -14.36 6.27 15.36
CA THR A 216 -14.19 6.62 16.76
C THR A 216 -15.37 6.13 17.61
N TRP A 217 -15.07 5.67 18.82
CA TRP A 217 -16.10 5.23 19.75
C TRP A 217 -16.31 6.31 20.82
N GLN A 218 -17.57 6.51 21.18
CA GLN A 218 -17.94 7.46 22.23
C GLN A 218 -18.85 6.74 23.21
N ARG A 219 -18.71 7.09 24.49
CA ARG A 219 -19.53 6.53 25.57
C ARG A 219 -20.25 7.74 26.20
N ASP A 220 -21.57 7.76 26.12
CA ASP A 220 -22.39 8.86 26.62
C ASP A 220 -21.88 10.20 26.07
N GLY A 221 -21.70 10.25 24.74
CA GLY A 221 -21.25 11.46 24.08
C GLY A 221 -19.81 11.88 24.31
N GLU A 222 -19.00 10.99 24.87
CA GLU A 222 -17.60 11.30 25.14
C GLU A 222 -16.67 10.24 24.54
N ASP A 223 -15.67 10.68 23.77
CA ASP A 223 -14.71 9.76 23.15
C ASP A 223 -14.11 8.75 24.12
N GLN A 224 -14.02 7.51 23.68
CA GLN A 224 -13.44 6.46 24.49
C GLN A 224 -12.41 5.67 23.69
N THR A 225 -11.25 5.45 24.29
CA THR A 225 -10.16 4.69 23.67
C THR A 225 -9.86 3.45 24.52
N GLN A 226 -10.15 3.53 25.81
CA GLN A 226 -9.93 2.40 26.71
C GLN A 226 -10.83 1.25 26.26
N ASP A 227 -10.35 0.01 26.41
CA ASP A 227 -11.13 -1.17 26.05
C ASP A 227 -11.63 -1.22 24.60
N THR A 228 -10.95 -0.53 23.70
CA THR A 228 -11.33 -0.53 22.29
C THR A 228 -10.22 -1.13 21.48
N GLU A 229 -10.52 -1.39 20.21
CA GLU A 229 -9.53 -1.93 19.29
C GLU A 229 -9.91 -1.54 17.87
N LEU A 230 -8.96 -0.97 17.13
CA LEU A 230 -9.22 -0.61 15.74
C LEU A 230 -8.14 -1.22 14.85
N VAL A 231 -8.54 -2.01 13.86
CA VAL A 231 -7.56 -2.63 12.97
C VAL A 231 -7.13 -1.65 11.90
N GLU A 232 -5.99 -1.95 11.30
CA GLU A 232 -5.46 -1.11 10.23
C GLU A 232 -6.35 -1.24 9.00
N THR A 233 -6.48 -0.15 8.26
CA THR A 233 -7.28 -0.15 7.06
C THR A 233 -6.68 -1.18 6.08
N ARG A 234 -7.55 -1.99 5.50
CA ARG A 234 -7.12 -3.06 4.61
C ARG A 234 -7.86 -3.06 3.28
N PRO A 235 -7.20 -3.50 2.23
CA PRO A 235 -7.84 -3.54 0.91
C PRO A 235 -8.83 -4.70 0.80
N ALA A 236 -10.00 -4.44 0.21
CA ALA A 236 -10.99 -5.49 0.05
C ALA A 236 -10.57 -6.41 -1.11
N GLY A 237 -9.77 -5.87 -2.03
CA GLY A 237 -9.32 -6.63 -3.18
C GLY A 237 -10.00 -6.24 -4.48
N ASP A 238 -11.08 -5.48 -4.38
CA ASP A 238 -11.84 -5.05 -5.55
C ASP A 238 -11.69 -3.55 -5.78
N GLY A 239 -10.65 -2.97 -5.22
CA GLY A 239 -10.42 -1.55 -5.36
C GLY A 239 -10.89 -0.75 -4.14
N THR A 240 -11.76 -1.32 -3.31
CA THR A 240 -12.22 -0.59 -2.11
C THR A 240 -11.47 -1.02 -0.86
N PHE A 241 -11.80 -0.38 0.26
CA PHE A 241 -11.15 -0.67 1.52
C PHE A 241 -12.10 -1.03 2.66
N GLN A 242 -11.53 -1.56 3.74
CA GLN A 242 -12.29 -2.00 4.90
C GLN A 242 -11.58 -1.58 6.20
N LYS A 243 -12.36 -1.50 7.28
CA LYS A 243 -11.86 -1.18 8.60
C LYS A 243 -12.96 -1.41 9.63
N TRP A 244 -12.56 -1.69 10.87
CA TRP A 244 -13.52 -1.85 11.94
C TRP A 244 -12.90 -1.45 13.26
N ALA A 245 -13.76 -1.09 14.21
CA ALA A 245 -13.35 -0.68 15.53
C ALA A 245 -14.29 -1.39 16.50
N ALA A 246 -13.73 -1.95 17.57
CA ALA A 246 -14.54 -2.67 18.54
C ALA A 246 -14.34 -2.12 19.96
N VAL A 247 -15.32 -2.35 20.82
CA VAL A 247 -15.24 -1.91 22.22
C VAL A 247 -15.93 -2.96 23.07
N VAL A 248 -15.41 -3.20 24.27
CA VAL A 248 -15.99 -4.16 25.20
C VAL A 248 -16.82 -3.34 26.19
N VAL A 249 -18.07 -3.74 26.38
CA VAL A 249 -18.98 -3.03 27.26
C VAL A 249 -19.76 -3.97 28.17
N PRO A 250 -20.35 -3.43 29.25
CA PRO A 250 -21.13 -4.22 30.19
C PRO A 250 -22.44 -4.63 29.51
N SER A 251 -22.73 -5.92 29.51
CA SER A 251 -23.97 -6.40 28.88
C SER A 251 -25.14 -5.62 29.45
N GLY A 252 -25.97 -5.10 28.56
CA GLY A 252 -27.12 -4.33 29.00
C GLY A 252 -26.91 -2.84 28.85
N GLN A 253 -25.66 -2.40 28.69
CA GLN A 253 -25.35 -0.98 28.54
C GLN A 253 -24.93 -0.57 27.13
N GLU A 254 -25.16 -1.45 26.16
CA GLU A 254 -24.78 -1.19 24.76
C GLU A 254 -25.26 0.17 24.21
N GLN A 255 -26.45 0.60 24.60
CA GLN A 255 -27.01 1.85 24.11
C GLN A 255 -26.24 3.13 24.43
N ARG A 256 -25.35 3.08 25.43
CA ARG A 256 -24.54 4.26 25.80
C ARG A 256 -23.43 4.53 24.78
N TYR A 257 -23.13 3.53 23.98
CA TYR A 257 -22.04 3.63 23.01
C TYR A 257 -22.43 3.96 21.56
N THR A 258 -21.68 4.86 20.94
CA THR A 258 -21.93 5.25 19.57
C THR A 258 -20.63 5.22 18.76
N CYS A 259 -20.74 4.77 17.52
CA CYS A 259 -19.59 4.70 16.61
C CYS A 259 -19.72 5.83 15.60
N HIS A 260 -18.66 6.60 15.47
CA HIS A 260 -18.64 7.73 14.58
C HIS A 260 -17.72 7.49 13.40
N VAL A 261 -18.29 7.66 12.20
CA VAL A 261 -17.56 7.41 10.96
C VAL A 261 -17.39 8.66 10.12
N GLN A 262 -16.13 9.02 9.85
CA GLN A 262 -15.83 10.19 9.02
C GLN A 262 -15.14 9.72 7.76
N HIS A 263 -15.61 10.20 6.62
CA HIS A 263 -15.06 9.82 5.32
C HIS A 263 -15.46 10.94 4.33
N GLU A 264 -14.61 11.26 3.36
CA GLU A 264 -14.98 12.33 2.43
C GLU A 264 -16.18 12.00 1.54
N GLY A 265 -16.58 10.73 1.52
CA GLY A 265 -17.73 10.35 0.72
C GLY A 265 -19.01 10.58 1.48
N LEU A 266 -18.89 11.07 2.70
CA LEU A 266 -20.03 11.35 3.56
C LEU A 266 -20.25 12.85 3.80
N PRO A 267 -21.43 13.38 3.42
CA PRO A 267 -21.73 14.81 3.60
C PRO A 267 -21.50 15.21 5.05
N LYS A 268 -21.91 14.34 5.96
CA LYS A 268 -21.72 14.55 7.40
C LYS A 268 -21.33 13.21 8.01
N PRO A 269 -20.55 13.22 9.09
CA PRO A 269 -20.16 11.95 9.71
C PRO A 269 -21.37 11.12 10.16
N LEU A 270 -21.25 9.80 10.04
CA LEU A 270 -22.31 8.88 10.44
C LEU A 270 -22.14 8.52 11.90
N THR A 271 -23.27 8.21 12.55
CA THR A 271 -23.29 7.81 13.95
C THR A 271 -24.11 6.54 14.07
N LEU A 272 -23.48 5.47 14.55
CA LEU A 272 -24.16 4.20 14.74
C LEU A 272 -24.29 3.88 16.23
N ARG A 273 -25.40 3.24 16.60
CA ARG A 273 -25.67 2.85 17.99
C ARG A 273 -26.32 1.48 17.92
N TRP A 274 -25.95 0.58 18.84
CA TRP A 274 -26.50 -0.76 18.82
C TRP A 274 -27.99 -0.84 19.14
N GLU A 275 -28.65 -1.75 18.42
CA GLU A 275 -30.07 -2.04 18.55
C GLU A 275 -30.49 -2.09 20.03
N ILE B 1 17.58 -2.14 7.91
CA ILE B 1 16.88 -2.70 9.10
C ILE B 1 15.86 -3.74 8.67
N GLN B 2 15.29 -4.42 9.66
CA GLN B 2 14.29 -5.44 9.41
C GLN B 2 13.03 -5.11 10.21
N ARG B 3 11.89 -5.50 9.67
CA ARG B 3 10.62 -5.24 10.33
C ARG B 3 9.69 -6.44 10.14
N THR B 4 9.09 -6.88 11.24
CA THR B 4 8.22 -8.03 11.21
C THR B 4 6.86 -7.70 10.60
N PRO B 5 6.29 -8.63 9.82
CA PRO B 5 4.98 -8.39 9.20
C PRO B 5 3.76 -8.44 10.13
N LYS B 6 2.82 -7.54 9.89
CA LYS B 6 1.57 -7.54 10.61
C LYS B 6 0.74 -8.41 9.67
N ILE B 7 -0.22 -9.14 10.21
CA ILE B 7 -1.07 -10.04 9.42
C ILE B 7 -2.57 -9.87 9.67
N GLN B 8 -3.37 -9.89 8.61
CA GLN B 8 -4.83 -9.85 8.72
C GLN B 8 -5.41 -10.86 7.72
N VAL B 9 -6.27 -11.74 8.20
CA VAL B 9 -6.92 -12.75 7.38
C VAL B 9 -8.40 -12.42 7.44
N TYR B 10 -9.04 -12.27 6.29
CA TYR B 10 -10.45 -11.87 6.23
C TYR B 10 -11.02 -12.13 4.83
N SER B 11 -12.35 -12.10 4.72
CA SER B 11 -12.99 -12.30 3.42
C SER B 11 -13.38 -10.95 2.83
N ARG B 12 -13.41 -10.88 1.50
CA ARG B 12 -13.79 -9.65 0.83
C ARG B 12 -15.24 -9.28 1.13
N HIS B 13 -16.11 -10.27 1.17
CA HIS B 13 -17.53 -10.03 1.46
C HIS B 13 -17.95 -10.78 2.71
N PRO B 14 -19.06 -10.37 3.34
CA PRO B 14 -19.56 -11.03 4.55
C PRO B 14 -19.60 -12.53 4.36
N ALA B 15 -19.02 -13.27 5.30
CA ALA B 15 -18.99 -14.72 5.20
C ALA B 15 -20.39 -15.30 5.25
N GLU B 16 -20.69 -16.15 4.27
CA GLU B 16 -21.99 -16.81 4.18
C GLU B 16 -21.77 -18.20 3.65
N ASN B 17 -22.11 -19.21 4.44
CA ASN B 17 -21.92 -20.59 4.03
C ASN B 17 -22.59 -20.87 2.69
N GLY B 18 -21.86 -21.57 1.82
CA GLY B 18 -22.39 -21.89 0.51
C GLY B 18 -22.27 -20.81 -0.53
N LYS B 19 -21.91 -19.59 -0.14
CA LYS B 19 -21.79 -18.50 -1.11
C LYS B 19 -20.35 -18.11 -1.45
N SER B 20 -20.04 -18.19 -2.74
CA SER B 20 -18.71 -17.86 -3.26
C SER B 20 -18.21 -16.53 -2.70
N ASN B 21 -16.92 -16.45 -2.41
CA ASN B 21 -16.32 -15.27 -1.80
C ASN B 21 -14.82 -15.25 -2.15
N PHE B 22 -14.08 -14.38 -1.48
CA PHE B 22 -12.64 -14.28 -1.67
C PHE B 22 -12.00 -14.24 -0.28
N LEU B 23 -10.97 -15.07 -0.09
CA LEU B 23 -10.24 -15.11 1.17
C LEU B 23 -8.98 -14.30 1.00
N ASN B 24 -8.78 -13.33 1.89
CA ASN B 24 -7.62 -12.44 1.84
C ASN B 24 -6.67 -12.60 3.02
N CYS B 25 -5.38 -12.39 2.75
CA CYS B 25 -4.37 -12.38 3.79
C CYS B 25 -3.57 -11.15 3.42
N TYR B 26 -3.70 -10.11 4.24
CA TYR B 26 -3.00 -8.85 4.01
C TYR B 26 -1.79 -8.78 4.94
N VAL B 27 -0.61 -8.67 4.34
CA VAL B 27 0.62 -8.58 5.12
C VAL B 27 1.23 -7.22 4.87
N SER B 28 1.58 -6.53 5.94
CA SER B 28 2.16 -5.19 5.82
C SER B 28 3.18 -4.87 6.90
N GLY B 29 3.81 -3.71 6.76
CA GLY B 29 4.80 -3.26 7.72
C GLY B 29 6.07 -4.08 7.80
N PHE B 30 6.37 -4.86 6.76
CA PHE B 30 7.58 -5.68 6.80
C PHE B 30 8.73 -5.17 5.94
N HIS B 31 9.92 -5.69 6.24
CA HIS B 31 11.13 -5.34 5.53
C HIS B 31 12.17 -6.38 5.98
N PRO B 32 12.93 -6.96 5.04
CA PRO B 32 12.92 -6.77 3.58
C PRO B 32 11.65 -7.32 2.91
N SER B 33 11.55 -7.16 1.61
CA SER B 33 10.37 -7.60 0.86
C SER B 33 10.19 -9.11 0.67
N ASP B 34 11.27 -9.89 0.74
CA ASP B 34 11.11 -11.32 0.54
C ASP B 34 10.26 -11.88 1.68
N ILE B 35 9.21 -12.59 1.32
CA ILE B 35 8.28 -13.14 2.29
C ILE B 35 7.58 -14.34 1.63
N GLU B 36 7.09 -15.26 2.45
CA GLU B 36 6.39 -16.43 1.95
C GLU B 36 5.00 -16.40 2.58
N VAL B 37 3.97 -16.37 1.76
CA VAL B 37 2.60 -16.33 2.29
C VAL B 37 1.75 -17.41 1.63
N ASP B 38 1.15 -18.28 2.43
CA ASP B 38 0.29 -19.32 1.90
C ASP B 38 -1.07 -19.27 2.57
N LEU B 39 -2.12 -19.54 1.81
CA LEU B 39 -3.45 -19.57 2.37
C LEU B 39 -3.69 -21.07 2.55
N LEU B 40 -4.27 -21.45 3.68
CA LEU B 40 -4.51 -22.86 3.95
C LEU B 40 -5.99 -23.19 4.10
N LYS B 41 -6.32 -24.44 3.77
CA LYS B 41 -7.67 -24.96 3.89
C LYS B 41 -7.52 -26.27 4.65
N ASN B 42 -8.00 -26.29 5.89
CA ASN B 42 -7.90 -27.46 6.73
C ASN B 42 -6.45 -27.94 6.79
N GLY B 43 -5.54 -27.00 7.01
CA GLY B 43 -4.13 -27.31 7.10
C GLY B 43 -3.36 -27.42 5.80
N GLU B 44 -4.05 -27.63 4.68
CA GLU B 44 -3.38 -27.77 3.38
C GLU B 44 -3.29 -26.49 2.57
N ARG B 45 -2.15 -26.31 1.92
CA ARG B 45 -1.89 -25.13 1.10
C ARG B 45 -2.79 -25.09 -0.13
N ILE B 46 -3.28 -23.90 -0.47
CA ILE B 46 -4.13 -23.70 -1.63
C ILE B 46 -3.26 -23.26 -2.80
N GLU B 47 -3.39 -23.95 -3.93
CA GLU B 47 -2.60 -23.67 -5.13
C GLU B 47 -2.97 -22.39 -5.86
N LYS B 48 -4.27 -22.22 -6.12
CA LYS B 48 -4.73 -21.04 -6.85
C LYS B 48 -4.79 -19.77 -6.00
N VAL B 49 -3.61 -19.28 -5.61
CA VAL B 49 -3.52 -18.07 -4.81
C VAL B 49 -2.74 -17.03 -5.59
N GLU B 50 -3.24 -15.80 -5.63
CA GLU B 50 -2.55 -14.73 -6.32
C GLU B 50 -2.23 -13.63 -5.33
N HIS B 51 -1.44 -12.65 -5.76
CA HIS B 51 -1.08 -11.53 -4.89
C HIS B 51 -0.90 -10.25 -5.69
N SER B 52 -1.11 -9.13 -5.02
CA SER B 52 -0.96 -7.82 -5.63
C SER B 52 0.52 -7.54 -5.88
N ASP B 53 0.79 -6.49 -6.66
CA ASP B 53 2.16 -6.09 -6.96
C ASP B 53 2.79 -5.38 -5.76
N LEU B 54 4.03 -5.73 -5.47
CA LEU B 54 4.77 -5.16 -4.36
C LEU B 54 4.74 -3.63 -4.30
N SER B 55 4.31 -3.11 -3.15
CA SER B 55 4.28 -1.68 -2.94
C SER B 55 4.70 -1.41 -1.49
N PHE B 56 4.83 -0.15 -1.12
CA PHE B 56 5.25 0.17 0.23
C PHE B 56 4.66 1.47 0.76
N SER B 57 4.73 1.64 2.08
CA SER B 57 4.18 2.82 2.73
C SER B 57 5.19 3.95 2.91
N LYS B 58 4.71 5.04 3.50
CA LYS B 58 5.52 6.23 3.76
C LYS B 58 6.85 5.88 4.45
N ASP B 59 6.79 5.01 5.45
CA ASP B 59 7.96 4.58 6.21
C ASP B 59 8.81 3.52 5.50
N TRP B 60 8.48 3.25 4.23
CA TRP B 60 9.21 2.27 3.41
C TRP B 60 8.88 0.81 3.65
N SER B 61 8.08 0.50 4.66
CA SER B 61 7.72 -0.90 4.89
C SER B 61 6.77 -1.36 3.78
N PHE B 62 6.93 -2.63 3.38
CA PHE B 62 6.16 -3.23 2.30
C PHE B 62 4.78 -3.77 2.68
N TYR B 63 3.91 -3.90 1.68
CA TYR B 63 2.61 -4.53 1.90
C TYR B 63 2.18 -5.33 0.67
N LEU B 64 1.50 -6.44 0.93
CA LEU B 64 1.02 -7.33 -0.12
C LEU B 64 -0.30 -7.99 0.26
N LEU B 65 -1.18 -8.13 -0.73
CA LEU B 65 -2.46 -8.80 -0.52
C LEU B 65 -2.46 -10.14 -1.30
N TYR B 66 -2.61 -11.24 -0.58
CA TYR B 66 -2.71 -12.56 -1.19
C TYR B 66 -4.19 -12.90 -1.09
N TYR B 67 -4.75 -13.46 -2.16
CA TYR B 67 -6.17 -13.78 -2.16
C TYR B 67 -6.51 -14.99 -3.01
N THR B 68 -7.64 -15.61 -2.72
CA THR B 68 -8.11 -16.74 -3.47
C THR B 68 -9.62 -16.78 -3.34
N GLU B 69 -10.28 -17.17 -4.42
CA GLU B 69 -11.73 -17.30 -4.44
C GLU B 69 -12.02 -18.57 -3.65
N PHE B 70 -13.01 -18.52 -2.76
CA PHE B 70 -13.36 -19.69 -1.98
C PHE B 70 -14.83 -19.66 -1.56
N THR B 71 -15.31 -20.79 -1.05
CA THR B 71 -16.70 -20.89 -0.60
C THR B 71 -16.69 -21.41 0.83
N PRO B 72 -16.90 -20.52 1.79
CA PRO B 72 -16.90 -20.91 3.20
C PRO B 72 -18.02 -21.88 3.59
N THR B 73 -17.70 -22.77 4.53
CA THR B 73 -18.67 -23.73 5.05
C THR B 73 -18.61 -23.65 6.56
N GLU B 74 -19.45 -24.43 7.23
CA GLU B 74 -19.50 -24.42 8.69
C GLU B 74 -18.32 -25.20 9.27
N LYS B 75 -17.85 -26.21 8.53
CA LYS B 75 -16.74 -27.04 8.99
C LYS B 75 -15.35 -26.61 8.56
N ASP B 76 -15.17 -26.42 7.25
CA ASP B 76 -13.86 -26.04 6.72
C ASP B 76 -13.20 -24.88 7.47
N GLU B 77 -11.91 -25.05 7.75
CA GLU B 77 -11.13 -24.04 8.44
C GLU B 77 -10.16 -23.40 7.47
N TYR B 78 -9.94 -22.10 7.63
CA TYR B 78 -9.03 -21.38 6.76
C TYR B 78 -8.02 -20.58 7.59
N ALA B 79 -6.81 -20.45 7.07
CA ALA B 79 -5.77 -19.70 7.76
C ALA B 79 -4.71 -19.18 6.80
N CYS B 80 -3.90 -18.26 7.29
CA CYS B 80 -2.83 -17.70 6.49
C CYS B 80 -1.51 -18.06 7.18
N ARG B 81 -0.56 -18.60 6.42
CA ARG B 81 0.73 -18.98 6.96
C ARG B 81 1.76 -18.02 6.39
N VAL B 82 2.50 -17.38 7.29
CA VAL B 82 3.50 -16.40 6.89
C VAL B 82 4.89 -16.73 7.41
N ASN B 83 5.87 -16.69 6.52
CA ASN B 83 7.25 -16.95 6.92
C ASN B 83 8.11 -15.76 6.46
N HIS B 84 8.96 -15.26 7.35
CA HIS B 84 9.81 -14.10 7.04
C HIS B 84 11.11 -14.22 7.83
N VAL B 85 12.14 -13.53 7.35
CA VAL B 85 13.45 -13.56 8.02
C VAL B 85 13.35 -13.20 9.50
N THR B 86 12.47 -12.27 9.84
CA THR B 86 12.28 -11.84 11.22
C THR B 86 11.57 -12.86 12.10
N LEU B 87 11.05 -13.93 11.49
CA LEU B 87 10.31 -14.96 12.23
C LEU B 87 11.10 -16.25 12.49
N SER B 88 11.15 -16.68 13.75
CA SER B 88 11.88 -17.91 14.12
C SER B 88 11.23 -19.10 13.45
N GLN B 89 9.90 -19.06 13.35
CA GLN B 89 9.13 -20.12 12.74
C GLN B 89 7.92 -19.53 12.01
N PRO B 90 7.38 -20.26 11.02
CA PRO B 90 6.22 -19.78 10.26
C PRO B 90 5.07 -19.39 11.18
N LYS B 91 4.50 -18.21 10.96
CA LYS B 91 3.40 -17.73 11.77
C LYS B 91 2.08 -18.10 11.10
N ILE B 92 1.09 -18.53 11.88
CA ILE B 92 -0.20 -18.90 11.32
C ILE B 92 -1.35 -18.15 11.98
N VAL B 93 -2.15 -17.49 11.16
CA VAL B 93 -3.29 -16.73 11.63
C VAL B 93 -4.55 -17.35 11.04
N LYS B 94 -5.39 -17.89 11.92
CA LYS B 94 -6.62 -18.53 11.49
C LYS B 94 -7.69 -17.50 11.12
N TRP B 95 -8.49 -17.83 10.13
CA TRP B 95 -9.56 -16.93 9.68
C TRP B 95 -10.74 -16.94 10.66
N ASP B 96 -11.18 -15.75 11.04
CA ASP B 96 -12.32 -15.57 11.93
C ASP B 96 -13.35 -14.75 11.16
N ARG B 97 -14.54 -15.32 10.97
CA ARG B 97 -15.65 -14.66 10.26
C ARG B 97 -16.02 -13.29 10.78
N ASP B 98 -15.86 -13.08 12.09
CA ASP B 98 -16.22 -11.83 12.73
C ASP B 98 -15.10 -10.79 12.79
N MET B 99 -14.04 -10.98 12.02
CA MET B 99 -12.93 -10.02 12.05
C MET B 99 -12.26 -9.77 10.70
N SER C 1 2.60 9.33 -16.08
CA SER C 1 3.78 9.29 -16.99
C SER C 1 5.07 9.41 -16.17
N LEU C 2 5.96 8.44 -16.34
CA LEU C 2 7.25 8.39 -15.63
C LEU C 2 8.19 9.50 -16.02
N TYR C 3 9.11 9.82 -15.12
CA TYR C 3 10.11 10.85 -15.37
C TYR C 3 11.06 10.31 -16.43
N LEU C 4 11.63 11.20 -17.23
CA LEU C 4 12.54 10.76 -18.29
C LEU C 4 13.89 10.31 -17.76
N THR C 5 14.75 11.26 -17.43
CA THR C 5 16.09 10.97 -16.94
C THR C 5 16.15 10.58 -15.47
N VAL C 6 17.03 9.63 -15.15
CA VAL C 6 17.21 9.16 -13.77
C VAL C 6 18.68 9.26 -13.39
N ALA C 7 18.99 10.18 -12.47
CA ALA C 7 20.36 10.38 -12.02
C ALA C 7 20.73 9.28 -11.01
N THR C 8 21.97 8.80 -11.09
CA THR C 8 22.43 7.75 -10.18
C THR C 8 23.00 8.31 -8.87
N LEU C 9 22.94 7.50 -7.82
CA LEU C 9 23.44 7.89 -6.51
C LEU C 9 24.96 8.03 -6.51
#